data_1BC5
#
_entry.id   1BC5
#
_cell.length_a   65.910
_cell.length_b   70.580
_cell.length_c   72.790
_cell.angle_alpha   90.00
_cell.angle_beta   90.00
_cell.angle_gamma   90.00
#
_symmetry.space_group_name_H-M   'P 21 21 21'
#
loop_
_entity.id
_entity.type
_entity.pdbx_description
1 polymer 'CHEMOTAXIS RECEPTOR METHYLTRANSFERASE'
2 polymer 'CHEMOTAXIS RECEPTOR'
3 non-polymer 'COBALT (II) ION'
4 non-polymer S-ADENOSYL-L-HOMOCYSTEINE
5 water water
#
loop_
_entity_poly.entity_id
_entity_poly.type
_entity_poly.pdbx_seq_one_letter_code
_entity_poly.pdbx_strand_id
1 'polypeptide(L)'
;MTQRLALSDAHFRRICQLIYQRAGIVLADHKRDMVYNRLVRRLRALGLDDFGRYLSMLEANQNSAEWQAFINALTTNLTA
FFREAHHFPILAEHARRRHGEYRVWSAAASTGEEPYSIAITLADALGMAPGRWKVFASDIDTEVLEKARSGIYRLSELKT
LSPQQLQRYFMRGTGPHEGLVRVRQELANYVEFSSVNLLEKQYNVPGPFDAIFCRNVMIYFDKTTQEDILRRFVPLLKPD
GLLFAGHSENFSNLVREFSLRGQTVYALS
;
A
2 'polypeptide(L)' (ACE)NWETF T
#
loop_
_chem_comp.id
_chem_comp.type
_chem_comp.name
_chem_comp.formula
ACE non-polymer 'ACETYL GROUP' 'C2 H4 O'
CO non-polymer 'COBALT (II) ION' 'Co 2'
SAH non-polymer S-ADENOSYL-L-HOMOCYSTEINE 'C14 H20 N6 O5 S'
#
# COMPACT_ATOMS: atom_id res chain seq x y z
N MET A 1 1.05 -21.73 -32.96
CA MET A 1 0.80 -22.73 -31.88
C MET A 1 1.36 -22.27 -30.52
N THR A 2 2.70 -22.14 -30.41
CA THR A 2 3.36 -21.73 -29.16
C THR A 2 4.91 -21.56 -29.28
N GLN A 3 5.64 -22.05 -28.27
CA GLN A 3 7.11 -22.00 -28.16
C GLN A 3 7.37 -22.60 -26.76
N ARG A 4 8.65 -22.79 -26.39
CA ARG A 4 8.99 -23.31 -25.06
C ARG A 4 8.54 -22.26 -24.05
N LEU A 5 7.27 -22.38 -23.62
CA LEU A 5 6.64 -21.44 -22.70
C LEU A 5 6.63 -20.06 -23.33
N ALA A 6 5.64 -19.80 -24.19
CA ALA A 6 5.56 -18.52 -24.85
C ALA A 6 4.25 -17.79 -24.55
N LEU A 7 4.36 -16.48 -24.39
CA LEU A 7 3.21 -15.63 -24.12
C LEU A 7 2.76 -14.98 -25.44
N SER A 8 1.54 -15.33 -25.88
CA SER A 8 0.98 -14.82 -27.13
C SER A 8 0.22 -13.52 -26.93
N ASP A 9 0.13 -12.73 -27.99
CA ASP A 9 -0.55 -11.44 -27.96
C ASP A 9 -1.91 -11.62 -27.39
N ALA A 10 -2.51 -12.73 -27.76
CA ALA A 10 -3.84 -13.08 -27.32
C ALA A 10 -3.92 -13.31 -25.82
N HIS A 11 -2.90 -13.97 -25.25
CA HIS A 11 -2.87 -14.24 -23.82
C HIS A 11 -2.52 -13.03 -23.00
N PHE A 12 -1.65 -12.19 -23.53
CA PHE A 12 -1.23 -10.97 -22.87
C PHE A 12 -2.46 -10.07 -22.74
N ARG A 13 -3.22 -9.97 -23.82
CA ARG A 13 -4.40 -9.13 -23.78
C ARG A 13 -5.45 -9.65 -22.83
N ARG A 14 -5.57 -10.98 -22.68
CA ARG A 14 -6.53 -11.57 -21.75
C ARG A 14 -6.06 -11.22 -20.34
N ILE A 15 -4.76 -11.35 -20.09
CA ILE A 15 -4.15 -11.04 -18.79
C ILE A 15 -4.39 -9.56 -18.49
N CYS A 16 -4.28 -8.70 -19.49
CA CYS A 16 -4.51 -7.28 -19.27
C CYS A 16 -5.94 -7.01 -18.82
N GLN A 17 -6.88 -7.70 -19.45
CA GLN A 17 -8.30 -7.59 -19.15
C GLN A 17 -8.61 -8.12 -17.74
N LEU A 18 -8.12 -9.32 -17.43
CA LEU A 18 -8.32 -9.97 -16.13
C LEU A 18 -7.76 -9.17 -14.95
N ILE A 19 -6.58 -8.58 -15.10
CA ILE A 19 -6.04 -7.85 -13.97
C ILE A 19 -6.75 -6.50 -13.79
N TYR A 20 -7.25 -5.94 -14.88
CA TYR A 20 -7.96 -4.67 -14.84
C TYR A 20 -9.30 -4.78 -14.12
N GLN A 21 -10.01 -5.87 -14.33
CA GLN A 21 -11.31 -6.03 -13.68
C GLN A 21 -11.24 -6.58 -12.26
N ARG A 22 -10.07 -7.01 -11.83
CA ARG A 22 -9.91 -7.56 -10.49
C ARG A 22 -9.22 -6.56 -9.54
N ALA A 23 -8.28 -5.78 -10.08
CA ALA A 23 -7.52 -4.80 -9.29
C ALA A 23 -7.53 -3.36 -9.85
N GLY A 24 -7.99 -3.20 -11.10
CA GLY A 24 -8.05 -1.90 -11.73
C GLY A 24 -6.74 -1.45 -12.34
N ILE A 25 -5.72 -2.32 -12.31
CA ILE A 25 -4.38 -2.02 -12.85
C ILE A 25 -4.34 -2.07 -14.36
N VAL A 26 -3.97 -0.95 -14.98
CA VAL A 26 -3.84 -0.82 -16.42
C VAL A 26 -2.41 -1.19 -16.83
N LEU A 27 -2.27 -2.31 -17.53
CA LEU A 27 -0.97 -2.79 -18.01
C LEU A 27 -0.77 -2.34 -19.45
N ALA A 28 0.48 -2.08 -19.81
CA ALA A 28 0.78 -1.64 -21.16
C ALA A 28 1.72 -2.62 -21.83
N ASP A 29 1.75 -2.53 -23.17
CA ASP A 29 2.57 -3.39 -24.01
C ASP A 29 4.05 -3.38 -23.64
N HIS A 30 4.51 -2.27 -23.08
CA HIS A 30 5.90 -2.15 -22.66
C HIS A 30 6.14 -2.81 -21.30
N LYS A 31 5.17 -3.60 -20.84
CA LYS A 31 5.30 -4.27 -19.57
C LYS A 31 5.13 -5.77 -19.77
N ARG A 32 4.97 -6.17 -21.04
CA ARG A 32 4.77 -7.56 -21.45
C ARG A 32 5.91 -8.50 -21.07
N ASP A 33 7.05 -7.93 -20.72
CA ASP A 33 8.21 -8.70 -20.30
C ASP A 33 8.13 -9.00 -18.81
N MET A 34 7.66 -8.01 -18.04
CA MET A 34 7.49 -8.13 -16.59
C MET A 34 6.36 -9.11 -16.39
N VAL A 35 5.32 -8.99 -17.21
CA VAL A 35 4.17 -9.88 -17.08
C VAL A 35 4.61 -11.30 -17.24
N TYR A 36 5.27 -11.58 -18.35
CA TYR A 36 5.75 -12.92 -18.61
C TYR A 36 6.60 -13.42 -17.43
N ASN A 37 7.59 -12.62 -17.03
CA ASN A 37 8.49 -13.01 -15.94
C ASN A 37 7.81 -13.23 -14.60
N ARG A 38 6.85 -12.38 -14.27
CA ARG A 38 6.16 -12.50 -13.00
C ARG A 38 5.21 -13.70 -13.01
N LEU A 39 4.56 -13.94 -14.15
CA LEU A 39 3.58 -15.02 -14.31
C LEU A 39 4.05 -16.45 -14.60
N VAL A 40 5.19 -16.68 -15.28
CA VAL A 40 5.65 -18.06 -15.56
C VAL A 40 5.96 -18.78 -14.27
N ARG A 41 6.21 -18.00 -13.22
CA ARG A 41 6.50 -18.55 -11.90
C ARG A 41 5.27 -19.18 -11.28
N ARG A 42 4.13 -18.64 -11.64
CA ARG A 42 2.87 -19.17 -11.16
C ARG A 42 2.58 -20.45 -11.95
N LEU A 43 2.91 -20.47 -13.23
CA LEU A 43 2.71 -21.65 -14.07
C LEU A 43 3.54 -22.80 -13.52
N ARG A 44 4.79 -22.51 -13.23
CA ARG A 44 5.71 -23.49 -12.68
C ARG A 44 5.21 -24.00 -11.32
N ALA A 45 4.89 -23.07 -10.42
CA ALA A 45 4.40 -23.44 -9.10
C ALA A 45 3.28 -24.49 -9.16
N LEU A 46 2.38 -24.32 -10.12
CA LEU A 46 1.24 -25.19 -10.30
C LEU A 46 1.48 -26.40 -11.21
N GLY A 47 2.59 -26.42 -11.94
CA GLY A 47 2.85 -27.54 -12.84
C GLY A 47 2.10 -27.45 -14.16
N LEU A 48 1.74 -26.24 -14.58
CA LEU A 48 1.05 -26.05 -15.85
C LEU A 48 2.16 -25.66 -16.81
N ASP A 49 2.00 -25.96 -18.09
CA ASP A 49 3.01 -25.62 -19.09
C ASP A 49 2.39 -24.72 -20.15
N ASP A 50 1.18 -24.25 -19.87
CA ASP A 50 0.45 -23.42 -20.82
C ASP A 50 -0.28 -22.25 -20.15
N PHE A 51 -0.09 -21.05 -20.73
CA PHE A 51 -0.71 -19.82 -20.26
C PHE A 51 -2.21 -19.86 -20.53
N GLY A 52 -2.60 -20.53 -21.62
CA GLY A 52 -4.02 -20.65 -21.94
C GLY A 52 -4.69 -21.58 -20.96
N ARG A 53 -3.95 -22.61 -20.54
CA ARG A 53 -4.45 -23.56 -19.55
C ARG A 53 -4.62 -22.81 -18.24
N TYR A 54 -3.57 -22.04 -17.90
CA TYR A 54 -3.54 -21.25 -16.69
C TYR A 54 -4.70 -20.24 -16.70
N LEU A 55 -4.80 -19.49 -17.78
CA LEU A 55 -5.84 -18.49 -17.92
C LEU A 55 -7.26 -19.05 -17.81
N SER A 56 -7.45 -20.21 -18.41
CA SER A 56 -8.76 -20.88 -18.42
C SER A 56 -9.21 -21.41 -17.09
N MET A 57 -8.26 -21.93 -16.31
CA MET A 57 -8.57 -22.46 -14.99
C MET A 57 -9.01 -21.31 -14.10
N LEU A 58 -8.40 -20.15 -14.30
CA LEU A 58 -8.74 -18.96 -13.55
C LEU A 58 -10.15 -18.55 -13.91
N GLU A 59 -10.39 -18.32 -15.19
CA GLU A 59 -11.71 -17.91 -15.65
C GLU A 59 -12.84 -18.86 -15.27
N ALA A 60 -12.57 -20.16 -15.31
CA ALA A 60 -13.59 -21.15 -14.97
C ALA A 60 -13.86 -21.26 -13.48
N ASN A 61 -12.93 -20.80 -12.65
CA ASN A 61 -13.12 -20.90 -11.21
C ASN A 61 -12.86 -19.53 -10.58
N GLN A 62 -13.87 -18.66 -10.60
CA GLN A 62 -13.74 -17.29 -10.06
C GLN A 62 -13.39 -17.21 -8.58
N ASN A 63 -13.56 -18.30 -7.86
CA ASN A 63 -13.24 -18.32 -6.45
C ASN A 63 -11.94 -19.08 -6.19
N SER A 64 -11.21 -19.38 -7.27
CA SER A 64 -9.94 -20.09 -7.17
C SER A 64 -8.96 -19.32 -6.30
N ALA A 65 -8.19 -20.05 -5.49
CA ALA A 65 -7.19 -19.43 -4.61
C ALA A 65 -6.08 -18.76 -5.43
N GLU A 66 -5.91 -19.23 -6.66
CA GLU A 66 -4.91 -18.73 -7.56
C GLU A 66 -5.15 -17.26 -7.95
N TRP A 67 -6.40 -16.81 -7.83
CA TRP A 67 -6.76 -15.42 -8.16
C TRP A 67 -5.97 -14.43 -7.31
N GLN A 68 -5.82 -14.71 -6.02
CA GLN A 68 -5.04 -13.83 -5.13
C GLN A 68 -3.56 -13.87 -5.51
N ALA A 69 -3.05 -15.04 -5.88
CA ALA A 69 -1.67 -15.17 -6.30
C ALA A 69 -1.42 -14.48 -7.66
N PHE A 70 -2.43 -14.45 -8.51
CA PHE A 70 -2.35 -13.81 -9.82
C PHE A 70 -2.23 -12.28 -9.61
N ILE A 71 -3.06 -11.73 -8.72
CA ILE A 71 -3.08 -10.32 -8.37
C ILE A 71 -1.73 -9.89 -7.75
N ASN A 72 -1.31 -10.64 -6.74
CA ASN A 72 -0.04 -10.38 -6.06
C ASN A 72 1.14 -10.35 -7.02
N ALA A 73 1.07 -11.14 -8.08
CA ALA A 73 2.11 -11.24 -9.09
C ALA A 73 2.21 -10.00 -9.94
N LEU A 74 1.08 -9.39 -10.22
CA LEU A 74 1.06 -8.23 -11.08
C LEU A 74 1.13 -6.86 -10.43
N THR A 75 1.05 -6.78 -9.11
CA THR A 75 1.14 -5.49 -8.41
C THR A 75 2.63 -5.07 -8.27
N THR A 76 2.88 -3.76 -8.23
CA THR A 76 4.24 -3.21 -8.06
C THR A 76 4.22 -2.61 -6.66
N ASN A 77 5.05 -3.13 -5.78
CA ASN A 77 5.04 -2.70 -4.37
C ASN A 77 6.18 -1.82 -3.87
N LEU A 78 6.94 -1.23 -4.79
CA LEU A 78 8.06 -0.36 -4.42
C LEU A 78 7.63 0.70 -3.44
N THR A 79 8.30 0.73 -2.29
CA THR A 79 7.99 1.68 -1.22
C THR A 79 9.27 1.93 -0.40
N ALA A 80 9.23 2.80 0.59
CA ALA A 80 10.39 3.07 1.43
C ALA A 80 9.96 3.86 2.66
N PHE A 81 10.72 3.71 3.73
CA PHE A 81 10.44 4.43 4.97
C PHE A 81 10.62 5.90 4.67
N PHE A 82 9.75 6.72 5.24
CA PHE A 82 9.79 8.17 5.06
C PHE A 82 9.92 8.65 3.60
N ARG A 83 9.22 7.94 2.72
CA ARG A 83 9.21 8.30 1.31
C ARG A 83 8.43 9.59 1.27
N GLU A 84 8.87 10.52 0.41
CA GLU A 84 8.25 11.83 0.29
C GLU A 84 8.11 12.41 1.69
N ALA A 85 9.29 12.56 2.29
CA ALA A 85 9.48 13.01 3.67
C ALA A 85 8.73 14.24 4.12
N HIS A 86 8.62 15.22 3.23
CA HIS A 86 7.95 16.48 3.54
C HIS A 86 6.50 16.30 4.04
N HIS A 87 5.91 15.13 3.78
CA HIS A 87 4.54 14.86 4.23
C HIS A 87 4.42 14.68 5.74
N PHE A 88 5.45 14.14 6.37
CA PHE A 88 5.37 13.85 7.79
C PHE A 88 5.33 15.01 8.74
N PRO A 89 6.07 16.07 8.44
CA PRO A 89 6.04 17.24 9.31
C PRO A 89 4.63 17.86 9.26
N ILE A 90 4.07 17.83 8.07
CA ILE A 90 2.73 18.35 7.81
C ILE A 90 1.72 17.53 8.63
N LEU A 91 1.85 16.21 8.57
CA LEU A 91 0.96 15.35 9.32
C LEU A 91 1.06 15.66 10.82
N ALA A 92 2.27 15.90 11.32
CA ALA A 92 2.48 16.16 12.73
C ALA A 92 1.86 17.45 13.24
N GLU A 93 2.04 18.53 12.49
CA GLU A 93 1.48 19.79 12.92
C GLU A 93 -0.04 19.75 12.86
N HIS A 94 -0.59 19.06 11.88
CA HIS A 94 -2.04 18.90 11.73
C HIS A 94 -2.62 18.11 12.91
N ALA A 95 -1.99 17.01 13.30
CA ALA A 95 -2.49 16.19 14.40
C ALA A 95 -2.41 16.90 15.76
N ARG A 96 -1.39 17.74 15.91
CA ARG A 96 -1.17 18.46 17.14
C ARG A 96 -2.19 19.55 17.45
N ARG A 97 -2.87 20.03 16.42
CA ARG A 97 -3.88 21.05 16.62
C ARG A 97 -5.27 20.47 16.67
N ARG A 98 -5.37 19.15 16.74
CA ARG A 98 -6.64 18.48 16.79
C ARG A 98 -6.82 17.71 18.09
N HIS A 99 -8.07 17.42 18.41
CA HIS A 99 -8.41 16.69 19.62
C HIS A 99 -9.15 15.45 19.23
N GLY A 100 -9.19 14.50 20.14
CA GLY A 100 -9.86 13.24 19.85
C GLY A 100 -8.85 12.27 19.27
N GLU A 101 -9.27 11.03 19.07
CA GLU A 101 -8.40 10.03 18.54
C GLU A 101 -8.11 10.44 17.11
N TYR A 102 -6.83 10.56 16.79
CA TYR A 102 -6.39 10.93 15.45
C TYR A 102 -6.28 9.63 14.59
N ARG A 103 -7.18 9.44 13.64
CA ARG A 103 -7.18 8.25 12.80
C ARG A 103 -6.65 8.47 11.39
N VAL A 104 -5.68 7.67 10.97
CA VAL A 104 -5.12 7.79 9.62
C VAL A 104 -5.36 6.51 8.86
N TRP A 105 -5.51 6.62 7.53
CA TRP A 105 -5.69 5.44 6.69
C TRP A 105 -4.63 5.42 5.60
N SER A 106 -3.77 4.41 5.62
CA SER A 106 -2.76 4.24 4.57
C SER A 106 -3.45 3.26 3.60
N ALA A 107 -3.94 3.81 2.49
CA ALA A 107 -4.66 3.07 1.47
C ALA A 107 -3.83 2.18 0.52
N ALA A 108 -2.52 2.26 0.59
CA ALA A 108 -1.66 1.46 -0.26
C ALA A 108 -0.40 1.26 0.57
N ALA A 109 -0.52 0.44 1.62
CA ALA A 109 0.56 0.19 2.58
C ALA A 109 1.77 -0.61 2.15
N SER A 110 1.61 -1.44 1.11
CA SER A 110 2.67 -2.29 0.62
C SER A 110 3.26 -3.11 1.78
N THR A 111 4.57 -3.22 1.86
CA THR A 111 5.21 -4.00 2.93
C THR A 111 5.28 -3.33 4.30
N GLY A 112 4.52 -2.25 4.49
CA GLY A 112 4.47 -1.59 5.78
C GLY A 112 5.29 -0.35 6.05
N GLU A 113 6.22 -0.01 5.17
CA GLU A 113 7.09 1.15 5.40
C GLU A 113 6.28 2.42 5.59
N GLU A 114 5.23 2.64 4.79
CA GLU A 114 4.38 3.83 4.92
C GLU A 114 3.61 3.85 6.26
N PRO A 115 2.78 2.83 6.56
CA PRO A 115 2.06 2.85 7.84
C PRO A 115 2.93 3.00 9.11
N TYR A 116 4.15 2.49 9.07
CA TYR A 116 5.06 2.59 10.21
C TYR A 116 5.75 3.95 10.25
N SER A 117 5.93 4.57 9.09
CA SER A 117 6.51 5.89 9.03
C SER A 117 5.48 6.85 9.64
N ILE A 118 4.20 6.61 9.38
CA ILE A 118 3.12 7.42 9.93
C ILE A 118 3.03 7.22 11.46
N ALA A 119 3.17 5.98 11.94
CA ALA A 119 3.07 5.66 13.36
C ALA A 119 4.17 6.28 14.17
N ILE A 120 5.38 6.29 13.61
CA ILE A 120 6.57 6.88 14.23
C ILE A 120 6.38 8.40 14.34
N THR A 121 5.94 9.04 13.28
CA THR A 121 5.69 10.47 13.26
C THR A 121 4.72 10.87 14.38
N LEU A 122 3.62 10.13 14.47
CA LEU A 122 2.60 10.36 15.49
C LEU A 122 3.02 9.99 16.92
N ALA A 123 3.80 8.93 17.10
CA ALA A 123 4.26 8.56 18.44
C ALA A 123 5.20 9.65 18.90
N ASP A 124 6.00 10.17 17.98
CA ASP A 124 6.93 11.25 18.29
C ASP A 124 6.20 12.57 18.59
N ALA A 125 5.17 12.89 17.80
CA ALA A 125 4.47 14.15 18.01
C ALA A 125 3.38 14.11 19.05
N LEU A 126 2.70 12.97 19.15
CA LEU A 126 1.58 12.79 20.06
C LEU A 126 1.79 11.95 21.30
N GLY A 127 2.79 11.08 21.28
CA GLY A 127 3.01 10.21 22.42
C GLY A 127 2.24 8.92 22.23
N MET A 128 2.57 7.90 23.00
CA MET A 128 1.88 6.63 22.88
C MET A 128 1.04 6.36 24.09
N ALA A 129 -0.23 6.73 23.99
CA ALA A 129 -1.17 6.53 25.06
C ALA A 129 -2.44 6.02 24.41
N PRO A 130 -3.11 5.05 25.03
CA PRO A 130 -4.34 4.48 24.50
C PRO A 130 -5.32 5.57 24.07
N GLY A 131 -5.85 5.44 22.85
CA GLY A 131 -6.83 6.39 22.33
C GLY A 131 -6.32 7.71 21.80
N ARG A 132 -5.01 7.86 21.66
CA ARG A 132 -4.46 9.11 21.16
C ARG A 132 -4.48 9.10 19.62
N TRP A 133 -4.15 7.96 19.02
CA TRP A 133 -4.13 7.83 17.57
C TRP A 133 -4.20 6.37 17.18
N LYS A 134 -4.49 6.14 15.91
CA LYS A 134 -4.61 4.81 15.38
C LYS A 134 -4.35 4.88 13.89
N VAL A 135 -3.66 3.88 13.34
CA VAL A 135 -3.39 3.85 11.90
C VAL A 135 -4.02 2.59 11.28
N PHE A 136 -4.78 2.79 10.20
CA PHE A 136 -5.40 1.69 9.47
C PHE A 136 -4.69 1.63 8.13
N ALA A 137 -4.12 0.48 7.82
CA ALA A 137 -3.36 0.32 6.59
C ALA A 137 -3.95 -0.82 5.80
N SER A 138 -4.04 -0.65 4.50
CA SER A 138 -4.58 -1.71 3.68
C SER A 138 -3.90 -1.82 2.34
N ASP A 139 -4.16 -2.92 1.66
CA ASP A 139 -3.60 -3.15 0.34
C ASP A 139 -4.36 -4.34 -0.24
N ILE A 140 -4.32 -4.48 -1.55
CA ILE A 140 -5.00 -5.58 -2.19
C ILE A 140 -4.05 -6.81 -2.16
N ASP A 141 -2.78 -6.56 -1.92
CA ASP A 141 -1.76 -7.58 -1.92
C ASP A 141 -1.57 -8.24 -0.57
N THR A 142 -2.00 -9.50 -0.47
CA THR A 142 -1.94 -10.26 0.76
C THR A 142 -0.52 -10.67 1.17
N GLU A 143 0.38 -10.72 0.20
CA GLU A 143 1.75 -11.09 0.49
C GLU A 143 2.45 -9.95 1.23
N VAL A 144 2.40 -8.77 0.63
CA VAL A 144 3.01 -7.62 1.26
C VAL A 144 2.38 -7.31 2.63
N LEU A 145 1.07 -7.51 2.78
CA LEU A 145 0.39 -7.27 4.08
C LEU A 145 0.95 -8.21 5.15
N GLU A 146 1.37 -9.38 4.73
CA GLU A 146 1.89 -10.34 5.67
C GLU A 146 3.25 -9.86 6.11
N LYS A 147 4.02 -9.33 5.17
CA LYS A 147 5.33 -8.83 5.51
C LYS A 147 5.17 -7.66 6.47
N ALA A 148 4.23 -6.80 6.17
CA ALA A 148 3.95 -5.64 7.02
C ALA A 148 3.58 -6.07 8.42
N ARG A 149 2.74 -7.09 8.54
CA ARG A 149 2.35 -7.56 9.85
C ARG A 149 3.54 -7.95 10.70
N SER A 150 4.50 -8.64 10.10
CA SER A 150 5.67 -9.07 10.85
C SER A 150 6.55 -7.88 11.31
N GLY A 151 6.61 -6.82 10.51
CA GLY A 151 7.38 -5.65 10.87
C GLY A 151 8.87 -5.88 11.00
N ILE A 152 9.43 -6.77 10.19
CA ILE A 152 10.87 -7.09 10.17
C ILE A 152 11.42 -6.45 8.91
N TYR A 153 12.51 -5.71 9.05
CA TYR A 153 13.10 -4.99 7.93
C TYR A 153 14.60 -5.09 8.03
N ARG A 154 15.27 -4.71 6.97
CA ARG A 154 16.71 -4.72 6.97
C ARG A 154 17.17 -3.43 7.60
N LEU A 155 18.12 -3.52 8.51
CA LEU A 155 18.68 -2.34 9.17
C LEU A 155 19.27 -1.37 8.15
N SER A 156 19.83 -1.89 7.06
CA SER A 156 20.43 -1.03 6.04
C SER A 156 19.39 -0.19 5.32
N GLU A 157 18.12 -0.61 5.38
CA GLU A 157 17.00 0.10 4.74
C GLU A 157 16.48 1.30 5.53
N LEU A 158 16.88 1.43 6.79
CA LEU A 158 16.36 2.52 7.62
C LEU A 158 17.24 3.76 7.58
N LYS A 159 17.80 4.05 6.42
CA LYS A 159 18.66 5.22 6.28
C LYS A 159 18.06 6.53 6.77
N THR A 160 16.73 6.64 6.75
CA THR A 160 16.01 7.84 7.18
C THR A 160 15.60 7.97 8.64
N LEU A 161 15.86 6.97 9.46
CA LEU A 161 15.48 7.06 10.87
C LEU A 161 16.61 7.64 11.72
N SER A 162 16.25 8.47 12.68
CA SER A 162 17.25 9.03 13.58
C SER A 162 17.56 7.93 14.60
N PRO A 163 18.71 8.01 15.29
CA PRO A 163 19.08 7.00 16.28
C PRO A 163 18.06 6.94 17.41
N GLN A 164 17.40 8.06 17.67
CA GLN A 164 16.40 8.13 18.72
C GLN A 164 15.16 7.36 18.30
N GLN A 165 14.83 7.37 17.01
CA GLN A 165 13.66 6.63 16.52
C GLN A 165 13.90 5.12 16.58
N LEU A 166 15.12 4.72 16.26
CA LEU A 166 15.55 3.33 16.30
C LEU A 166 15.50 2.81 17.71
N GLN A 167 16.13 3.55 18.61
CA GLN A 167 16.22 3.22 20.04
C GLN A 167 14.84 3.17 20.67
N ARG A 168 13.95 3.99 20.15
CA ARG A 168 12.62 4.09 20.68
C ARG A 168 11.55 3.15 20.11
N TYR A 169 11.68 2.75 18.84
CA TYR A 169 10.63 1.94 18.23
C TYR A 169 10.99 0.60 17.60
N PHE A 170 12.26 0.21 17.65
CA PHE A 170 12.67 -1.03 17.04
C PHE A 170 13.51 -1.89 17.96
N MET A 171 13.66 -3.16 17.61
CA MET A 171 14.49 -4.10 18.36
C MET A 171 15.56 -4.45 17.35
N ARG A 172 16.77 -4.70 17.81
CA ARG A 172 17.82 -5.06 16.89
C ARG A 172 18.13 -6.54 16.97
N GLY A 173 18.22 -7.16 15.78
CA GLY A 173 18.49 -8.58 15.68
C GLY A 173 19.96 -8.84 15.86
N THR A 174 20.27 -9.96 16.49
CA THR A 174 21.65 -10.33 16.73
C THR A 174 21.81 -11.78 16.35
N GLY A 175 23.05 -12.24 16.22
CA GLY A 175 23.30 -13.63 15.84
C GLY A 175 22.74 -14.01 14.48
N PRO A 176 21.79 -14.95 14.41
CA PRO A 176 21.20 -15.35 13.13
C PRO A 176 20.36 -14.24 12.51
N HIS A 177 19.96 -13.29 13.33
CA HIS A 177 19.15 -12.18 12.88
C HIS A 177 19.90 -10.89 12.63
N GLU A 178 21.20 -10.89 12.85
CA GLU A 178 22.03 -9.71 12.67
C GLU A 178 21.79 -9.04 11.32
N GLY A 179 21.52 -7.73 11.37
CA GLY A 179 21.27 -6.98 10.17
C GLY A 179 19.81 -6.68 9.98
N LEU A 180 18.97 -7.31 10.79
CA LEU A 180 17.52 -7.14 10.71
C LEU A 180 17.07 -6.32 11.89
N VAL A 181 15.90 -5.71 11.76
CA VAL A 181 15.27 -4.94 12.81
C VAL A 181 13.81 -5.35 12.82
N ARG A 182 13.16 -5.14 13.97
CA ARG A 182 11.76 -5.50 14.14
C ARG A 182 11.04 -4.37 14.87
N VAL A 183 9.98 -3.82 14.29
CA VAL A 183 9.19 -2.77 14.93
C VAL A 183 8.70 -3.35 16.27
N ARG A 184 8.84 -2.62 17.38
CA ARG A 184 8.37 -3.10 18.68
C ARG A 184 6.86 -3.34 18.68
N GLN A 185 6.41 -4.33 19.45
CA GLN A 185 4.99 -4.63 19.51
C GLN A 185 4.21 -3.46 20.07
N GLU A 186 4.83 -2.67 20.94
CA GLU A 186 4.13 -1.54 21.52
C GLU A 186 3.70 -0.53 20.46
N LEU A 187 4.52 -0.30 19.44
CA LEU A 187 4.12 0.64 18.39
C LEU A 187 3.20 -0.09 17.39
N ALA A 188 3.50 -1.36 17.10
CA ALA A 188 2.68 -2.16 16.17
C ALA A 188 1.24 -2.27 16.61
N ASN A 189 1.02 -2.22 17.93
CA ASN A 189 -0.32 -2.27 18.52
C ASN A 189 -1.25 -1.16 18.01
N TYR A 190 -0.69 -0.02 17.63
CA TYR A 190 -1.46 1.12 17.14
C TYR A 190 -1.67 1.10 15.63
N VAL A 191 -1.35 -0.01 14.94
CA VAL A 191 -1.49 -0.09 13.48
C VAL A 191 -2.32 -1.33 13.10
N GLU A 192 -3.41 -1.15 12.36
CA GLU A 192 -4.28 -2.28 11.95
C GLU A 192 -4.13 -2.54 10.46
N PHE A 193 -3.82 -3.78 10.08
CA PHE A 193 -3.61 -4.15 8.67
C PHE A 193 -4.77 -5.00 8.18
N SER A 194 -5.29 -4.65 7.02
CA SER A 194 -6.41 -5.38 6.43
C SER A 194 -6.28 -5.28 4.92
N SER A 195 -7.03 -6.09 4.19
CA SER A 195 -6.96 -6.06 2.74
C SER A 195 -8.16 -5.26 2.22
N VAL A 196 -7.92 -4.25 1.40
CA VAL A 196 -9.01 -3.48 0.86
C VAL A 196 -8.69 -3.14 -0.58
N ASN A 197 -9.58 -3.50 -1.49
CA ASN A 197 -9.40 -3.24 -2.90
C ASN A 197 -10.01 -1.85 -3.17
N LEU A 198 -9.20 -0.91 -3.64
CA LEU A 198 -9.68 0.42 -3.93
C LEU A 198 -10.74 0.48 -5.01
N LEU A 199 -10.93 -0.60 -5.76
CA LEU A 199 -11.97 -0.62 -6.80
C LEU A 199 -13.37 -0.85 -6.19
N GLU A 200 -13.42 -1.33 -4.95
CA GLU A 200 -14.68 -1.58 -4.28
C GLU A 200 -15.56 -0.39 -4.32
N LYS A 201 -16.84 -0.62 -4.53
CA LYS A 201 -17.80 0.45 -4.57
C LYS A 201 -18.06 0.95 -3.14
N GLN A 202 -17.56 0.22 -2.14
CA GLN A 202 -17.74 0.61 -0.75
C GLN A 202 -16.60 0.07 0.09
N TYR A 203 -15.96 0.96 0.86
CA TYR A 203 -14.83 0.58 1.69
C TYR A 203 -15.22 0.15 3.08
N ASN A 204 -14.66 -0.98 3.43
CA ASN A 204 -14.84 -1.69 4.68
C ASN A 204 -13.89 -1.16 5.75
N VAL A 205 -13.77 0.16 5.84
CA VAL A 205 -12.85 0.78 6.76
C VAL A 205 -13.45 1.55 7.94
N PRO A 206 -12.74 1.58 9.06
CA PRO A 206 -13.17 2.27 10.28
C PRO A 206 -12.91 3.79 10.27
N GLY A 207 -13.63 4.52 9.41
CA GLY A 207 -13.45 5.96 9.32
C GLY A 207 -14.49 6.68 10.15
N PRO A 208 -14.62 8.03 10.09
CA PRO A 208 -13.83 8.97 9.28
C PRO A 208 -12.40 9.07 9.76
N PHE A 209 -11.57 9.62 8.89
CA PHE A 209 -10.15 9.75 9.14
C PHE A 209 -9.78 11.20 9.09
N ASP A 210 -8.76 11.57 9.86
CA ASP A 210 -8.26 12.93 9.86
C ASP A 210 -7.39 13.10 8.62
N ALA A 211 -6.77 12.01 8.19
CA ALA A 211 -5.91 11.99 7.02
C ALA A 211 -5.98 10.66 6.33
N ILE A 212 -5.83 10.72 5.01
CA ILE A 212 -5.80 9.52 4.17
C ILE A 212 -4.54 9.63 3.30
N PHE A 213 -3.66 8.62 3.41
CA PHE A 213 -2.44 8.56 2.60
C PHE A 213 -2.77 7.65 1.44
N CYS A 214 -2.78 8.19 0.23
CA CYS A 214 -3.08 7.41 -0.97
C CYS A 214 -1.97 7.73 -1.96
N ARG A 215 -0.77 7.29 -1.62
CA ARG A 215 0.37 7.63 -2.44
C ARG A 215 0.89 6.56 -3.36
N ASN A 216 1.27 7.01 -4.55
CA ASN A 216 1.87 6.18 -5.57
C ASN A 216 1.10 4.91 -5.84
N VAL A 217 -0.22 5.03 -6.02
CA VAL A 217 -1.08 3.88 -6.34
C VAL A 217 -2.06 4.28 -7.46
N MET A 218 -2.51 5.54 -7.45
CA MET A 218 -3.45 6.03 -8.47
C MET A 218 -2.87 6.02 -9.86
N ILE A 219 -1.55 6.07 -9.90
CA ILE A 219 -0.83 6.06 -11.16
C ILE A 219 -1.08 4.80 -12.00
N TYR A 220 -1.58 3.74 -11.39
CA TYR A 220 -1.83 2.48 -12.11
C TYR A 220 -3.25 2.39 -12.61
N PHE A 221 -4.07 3.38 -12.29
CA PHE A 221 -5.48 3.34 -12.64
C PHE A 221 -5.87 4.28 -13.75
N ASP A 222 -6.97 4.02 -14.43
CA ASP A 222 -7.35 4.91 -15.49
C ASP A 222 -8.11 6.12 -14.94
N LYS A 223 -8.43 7.05 -15.83
CA LYS A 223 -9.09 8.29 -15.48
C LYS A 223 -10.38 8.19 -14.66
N THR A 224 -11.39 7.48 -15.17
CA THR A 224 -12.63 7.39 -14.42
C THR A 224 -12.48 6.63 -13.08
N THR A 225 -11.58 5.65 -13.01
CA THR A 225 -11.33 4.91 -11.78
C THR A 225 -10.73 5.85 -10.75
N GLN A 226 -9.79 6.67 -11.20
CA GLN A 226 -9.18 7.62 -10.29
C GLN A 226 -10.23 8.55 -9.74
N GLU A 227 -11.09 9.07 -10.59
CA GLU A 227 -12.11 9.99 -10.09
C GLU A 227 -13.12 9.33 -9.18
N ASP A 228 -13.46 8.07 -9.44
CA ASP A 228 -14.42 7.34 -8.60
C ASP A 228 -13.91 7.11 -7.18
N ILE A 229 -12.64 6.71 -7.06
CA ILE A 229 -12.03 6.49 -5.76
C ILE A 229 -11.96 7.83 -5.01
N LEU A 230 -11.51 8.88 -5.70
CA LEU A 230 -11.41 10.21 -5.10
C LEU A 230 -12.76 10.62 -4.53
N ARG A 231 -13.83 10.29 -5.26
CA ARG A 231 -15.16 10.61 -4.79
C ARG A 231 -15.59 9.72 -3.62
N ARG A 232 -15.10 8.50 -3.57
CA ARG A 232 -15.41 7.61 -2.44
C ARG A 232 -14.73 8.11 -1.16
N PHE A 233 -13.57 8.74 -1.30
CA PHE A 233 -12.81 9.27 -0.17
C PHE A 233 -13.51 10.45 0.52
N VAL A 234 -14.10 11.36 -0.25
CA VAL A 234 -14.75 12.54 0.33
C VAL A 234 -15.58 12.31 1.58
N PRO A 235 -16.51 11.37 1.56
CA PRO A 235 -17.29 11.17 2.79
C PRO A 235 -16.57 10.43 3.91
N LEU A 236 -15.30 10.10 3.68
CA LEU A 236 -14.49 9.36 4.64
C LEU A 236 -13.56 10.28 5.43
N LEU A 237 -13.46 11.54 4.99
CA LEU A 237 -12.63 12.53 5.64
C LEU A 237 -13.33 13.39 6.71
N LYS A 238 -12.69 13.51 7.86
CA LYS A 238 -13.21 14.33 8.93
C LYS A 238 -13.16 15.75 8.40
N PRO A 239 -13.93 16.67 9.02
CA PRO A 239 -14.01 18.08 8.63
C PRO A 239 -12.79 18.70 7.95
N ASP A 240 -11.69 18.84 8.68
CA ASP A 240 -10.53 19.43 8.05
C ASP A 240 -9.45 18.42 7.77
N GLY A 241 -9.86 17.22 7.40
CA GLY A 241 -8.93 16.15 7.12
C GLY A 241 -8.07 16.39 5.90
N LEU A 242 -6.99 15.61 5.79
CA LEU A 242 -6.03 15.75 4.68
C LEU A 242 -5.92 14.49 3.81
N LEU A 243 -5.65 14.69 2.53
CA LEU A 243 -5.47 13.62 1.58
C LEU A 243 -4.08 13.83 1.04
N PHE A 244 -3.24 12.82 1.14
CA PHE A 244 -1.87 12.94 0.66
C PHE A 244 -1.74 12.12 -0.57
N ALA A 245 -1.12 12.69 -1.60
CA ALA A 245 -0.91 11.97 -2.85
C ALA A 245 0.60 11.81 -3.05
N GLY A 246 0.97 10.98 -4.00
CA GLY A 246 2.37 10.80 -4.28
C GLY A 246 2.91 11.97 -5.09
N HIS A 247 4.21 11.95 -5.32
CA HIS A 247 4.92 12.99 -6.07
C HIS A 247 4.38 13.13 -7.48
N SER A 248 3.93 12.03 -8.06
CA SER A 248 3.42 12.09 -9.42
C SER A 248 1.95 12.48 -9.56
N GLU A 249 1.15 12.34 -8.51
CA GLU A 249 -0.28 12.64 -8.57
C GLU A 249 -0.81 14.10 -8.41
N ASN A 250 -1.90 14.40 -9.13
CA ASN A 250 -2.57 15.71 -9.08
C ASN A 250 -4.06 15.39 -8.93
N PHE A 251 -4.58 15.52 -7.72
CA PHE A 251 -5.98 15.23 -7.42
C PHE A 251 -6.92 16.36 -7.72
N SER A 252 -6.47 17.59 -7.54
CA SER A 252 -7.31 18.76 -7.81
C SER A 252 -7.65 18.81 -9.31
N ASN A 253 -7.00 17.93 -10.06
CA ASN A 253 -7.17 17.77 -11.50
C ASN A 253 -8.52 17.10 -11.84
N LEU A 254 -8.81 16.00 -11.15
CA LEU A 254 -10.05 15.26 -11.39
C LEU A 254 -11.23 15.81 -10.58
N VAL A 255 -10.96 16.34 -9.39
CA VAL A 255 -12.03 16.91 -8.58
C VAL A 255 -11.51 18.20 -7.89
N ARG A 256 -12.07 19.34 -8.32
CA ARG A 256 -11.69 20.65 -7.79
C ARG A 256 -12.03 20.83 -6.30
N GLU A 257 -12.98 20.02 -5.82
CA GLU A 257 -13.40 20.02 -4.42
C GLU A 257 -12.20 19.86 -3.46
N PHE A 258 -11.11 19.34 -4.00
CA PHE A 258 -9.86 19.14 -3.26
C PHE A 258 -8.95 20.28 -3.65
N SER A 259 -8.39 20.92 -2.64
CA SER A 259 -7.50 22.04 -2.86
C SER A 259 -6.10 21.64 -2.43
N LEU A 260 -5.10 22.14 -3.14
CA LEU A 260 -3.71 21.86 -2.82
C LEU A 260 -3.44 22.64 -1.53
N ARG A 261 -2.78 22.01 -0.57
CA ARG A 261 -2.50 22.65 0.69
C ARG A 261 -1.08 22.34 1.11
N GLY A 262 -0.20 22.17 0.12
CA GLY A 262 1.20 21.86 0.40
C GLY A 262 1.71 20.89 -0.63
N GLN A 263 2.94 20.42 -0.49
CA GLN A 263 3.52 19.45 -1.43
C GLN A 263 2.68 18.15 -1.49
N THR A 264 1.90 18.05 -2.57
CA THR A 264 0.98 16.96 -2.84
C THR A 264 0.03 16.61 -1.69
N VAL A 265 -0.39 17.62 -0.93
CA VAL A 265 -1.33 17.43 0.18
C VAL A 265 -2.59 18.19 -0.23
N TYR A 266 -3.76 17.63 0.08
CA TYR A 266 -5.01 18.27 -0.28
C TYR A 266 -5.97 18.27 0.87
N ALA A 267 -6.86 19.25 0.87
CA ALA A 267 -7.91 19.39 1.88
C ALA A 267 -9.17 19.64 1.07
N LEU A 268 -10.30 19.31 1.66
CA LEU A 268 -11.57 19.46 0.97
C LEU A 268 -12.12 20.91 0.92
N SER A 269 -13.28 21.05 0.28
CA SER A 269 -14.03 22.31 0.10
C SER A 269 -13.36 23.38 -0.74
C ACE B 1 19.21 -15.22 18.73
O ACE B 1 20.18 -15.84 19.13
CH3 ACE B 1 18.00 -15.95 18.23
N ASN B 2 19.16 -13.89 18.79
CA ASN B 2 17.99 -13.24 19.34
C ASN B 2 17.80 -11.76 19.05
N TRP B 3 16.95 -11.13 19.85
CA TRP B 3 16.58 -9.74 19.68
C TRP B 3 16.85 -8.88 20.90
N GLU B 4 17.23 -7.63 20.68
CA GLU B 4 17.51 -6.77 21.80
C GLU B 4 17.26 -5.31 21.48
N THR B 5 17.32 -4.51 22.52
CA THR B 5 17.09 -3.08 22.49
C THR B 5 18.29 -2.41 21.82
N PHE B 6 18.08 -1.19 21.34
CA PHE B 6 19.12 -0.38 20.73
C PHE B 6 19.74 0.55 21.81
CO CO C . 14.72 -16.02 16.13
N SAH D . 1.77 4.00 -0.68
CA SAH D . 3.11 3.43 -0.58
CB SAH D . 3.22 2.13 -1.41
CG SAH D . 3.28 2.31 -2.91
SD SAH D . 3.32 0.79 -3.83
C SAH D . 4.14 4.45 -1.07
O SAH D . 3.76 5.64 -1.24
OXT SAH D . 5.34 4.15 -0.92
C5' SAH D . 1.57 0.63 -4.35
C4' SAH D . 0.70 -0.48 -3.79
O4' SAH D . -0.65 -0.36 -4.28
C3' SAH D . 1.15 -1.89 -4.16
O3' SAH D . 1.72 -2.51 -3.00
C2' SAH D . -0.13 -2.64 -4.61
O2' SAH D . -0.36 -3.89 -3.99
C1' SAH D . -1.23 -1.63 -4.31
N9 SAH D . -2.43 -1.64 -5.15
C8 SAH D . -2.55 -1.74 -6.52
N7 SAH D . -3.80 -1.80 -6.93
C5 SAH D . -4.54 -1.71 -5.75
C6 SAH D . -5.92 -1.73 -5.49
N6 SAH D . -6.84 -1.89 -6.44
N1 SAH D . -6.33 -1.60 -4.21
C2 SAH D . -5.40 -1.45 -3.26
N3 SAH D . -4.07 -1.43 -3.37
C4 SAH D . -3.70 -1.58 -4.66
#